data_1VHU
#
_entry.id   1VHU
#
_cell.length_a   54.570
_cell.length_b   60.966
_cell.length_c   52.746
_cell.angle_alpha   90.00
_cell.angle_beta   90.00
_cell.angle_gamma   90.00
#
_symmetry.space_group_name_H-M   'P 21 21 2'
#
loop_
_entity.id
_entity.type
_entity.pdbx_description
1 polymer 'Hypothetical protein AF1521'
2 non-polymer '2-(N-MORPHOLINO)-ETHANESULFONIC ACID'
3 water water
#
_entity_poly.entity_id   1
_entity_poly.type   'polypeptide(L)'
_entity_poly.pdbx_seq_one_letter_code
;(MSE)SLERRTLI(MSE)EVLFEAKVGDITLKLAQGDITQYPAKAIVNAANKRLEHGGGVAYAIAKACAGDAGLYTEISK
KA(MSE)REQFGRDYIDHGEVVVTPA(MSE)NLEERGIKYVFHTVGPICSG(MSE)WSEELKEKLYKAFLGPLEKAEE
(MSE)GVESIAFPAVSAGIYGCDLEKVVETFLEAVKNFKGSAVKEVALVIYDRKSAEVALKVFERSLEGGSHHHHHH
;
_entity_poly.pdbx_strand_id   A
#
loop_
_chem_comp.id
_chem_comp.type
_chem_comp.name
_chem_comp.formula
MES non-polymer '2-(N-MORPHOLINO)-ETHANESULFONIC ACID' 'C6 H13 N O4 S'
#
# COMPACT_ATOMS: atom_id res chain seq x y z
N MSE A 10 -2.33 1.24 -18.08
CA MSE A 10 -2.49 0.24 -16.98
C MSE A 10 -2.54 -1.14 -17.58
O MSE A 10 -3.36 -1.41 -18.49
CB MSE A 10 -3.77 0.50 -16.18
CG MSE A 10 -4.02 -0.49 -15.05
SE MSE A 10 -2.95 -0.04 -13.48
CE MSE A 10 -3.90 1.57 -12.95
N GLU A 11 -1.68 -2.04 -17.09
CA GLU A 11 -1.63 -3.39 -17.61
C GLU A 11 -1.45 -4.41 -16.47
N VAL A 12 -2.27 -5.45 -16.46
CA VAL A 12 -2.14 -6.52 -15.48
C VAL A 12 -1.15 -7.51 -16.02
N LEU A 13 -0.11 -7.79 -15.24
CA LEU A 13 0.99 -8.65 -15.65
C LEU A 13 0.91 -10.07 -15.13
N PHE A 14 0.11 -10.29 -14.06
CA PHE A 14 0.05 -11.59 -13.37
C PHE A 14 -1.25 -11.63 -12.61
N GLU A 15 -1.86 -12.82 -12.56
CA GLU A 15 -3.01 -13.06 -11.72
C GLU A 15 -2.91 -14.47 -11.16
N ALA A 16 -3.17 -14.64 -9.86
CA ALA A 16 -3.21 -15.97 -9.22
C ALA A 16 -4.17 -15.99 -8.06
N LYS A 17 -4.62 -17.18 -7.70
CA LYS A 17 -5.44 -17.34 -6.52
C LYS A 17 -4.51 -17.65 -5.36
N VAL A 18 -4.68 -16.91 -4.27
CA VAL A 18 -3.97 -17.18 -3.02
C VAL A 18 -5.05 -17.30 -1.98
N GLY A 19 -5.32 -18.52 -1.49
CA GLY A 19 -6.40 -18.64 -0.53
C GLY A 19 -7.71 -18.16 -1.13
N ASP A 20 -8.40 -17.21 -0.49
CA ASP A 20 -9.69 -16.70 -1.01
C ASP A 20 -9.50 -15.47 -1.89
N ILE A 21 -8.23 -15.13 -2.13
CA ILE A 21 -7.93 -13.87 -2.80
C ILE A 21 -7.49 -14.06 -4.23
N THR A 22 -8.01 -13.22 -5.12
CA THR A 22 -7.39 -13.10 -6.43
C THR A 22 -6.32 -12.02 -6.34
N LEU A 23 -5.08 -12.42 -6.59
CA LEU A 23 -3.94 -11.52 -6.44
C LEU A 23 -3.44 -11.14 -7.82
N LYS A 24 -3.29 -9.82 -8.05
CA LYS A 24 -2.79 -9.31 -9.32
C LYS A 24 -1.53 -8.47 -9.14
N LEU A 25 -0.67 -8.49 -10.15
CA LEU A 25 0.41 -7.51 -10.29
C LEU A 25 0.03 -6.66 -11.48
N ALA A 26 0.09 -5.34 -11.32
CA ALA A 26 -0.18 -4.40 -12.41
C ALA A 26 0.90 -3.35 -12.53
N GLN A 27 1.14 -2.89 -13.75
CA GLN A 27 1.99 -1.73 -13.97
C GLN A 27 1.08 -0.55 -14.27
N GLY A 28 1.29 0.54 -13.56
CA GLY A 28 0.52 1.74 -13.81
C GLY A 28 0.42 2.61 -12.58
N ASP A 29 -0.51 3.53 -12.66
CA ASP A 29 -0.74 4.54 -11.64
C ASP A 29 -1.78 4.02 -10.64
N ILE A 30 -1.36 3.81 -9.39
CA ILE A 30 -2.27 3.28 -8.38
C ILE A 30 -3.52 4.13 -8.16
N THR A 31 -3.41 5.43 -8.42
CA THR A 31 -4.59 6.31 -8.27
C THR A 31 -5.65 6.08 -9.30
N GLN A 32 -5.38 5.21 -10.26
CA GLN A 32 -6.32 4.86 -11.31
C GLN A 32 -6.72 3.40 -11.22
N TYR A 33 -6.25 2.68 -10.19
CA TYR A 33 -6.51 1.25 -10.12
C TYR A 33 -7.92 0.98 -9.58
N PRO A 34 -8.68 0.05 -10.18
CA PRO A 34 -10.06 -0.26 -9.75
C PRO A 34 -10.12 -1.11 -8.46
N ALA A 35 -9.77 -0.50 -7.33
CA ALA A 35 -9.96 -1.16 -6.04
C ALA A 35 -10.75 -0.21 -5.15
N LYS A 36 -11.39 -0.74 -4.10
CA LYS A 36 -12.16 0.12 -3.19
C LYS A 36 -11.27 0.88 -2.21
N ALA A 37 -10.08 0.33 -1.92
CA ALA A 37 -9.09 1.07 -1.12
C ALA A 37 -7.76 0.99 -1.82
N ILE A 38 -7.00 2.08 -1.73
CA ILE A 38 -5.61 2.04 -2.16
C ILE A 38 -4.76 2.34 -0.93
N VAL A 39 -3.57 1.74 -0.90
CA VAL A 39 -2.66 1.92 0.18
C VAL A 39 -1.62 2.99 -0.18
N ASN A 40 -1.35 3.85 0.80
CA ASN A 40 -0.30 4.87 0.67
C ASN A 40 0.95 4.42 1.40
N ALA A 41 2.11 4.51 0.76
CA ALA A 41 3.40 4.35 1.42
C ALA A 41 3.77 5.69 2.03
N ALA A 42 3.36 5.88 3.28
CA ALA A 42 3.51 7.15 3.95
C ALA A 42 4.76 7.18 4.82
N ASN A 43 5.10 8.36 5.34
CA ASN A 43 6.00 8.42 6.49
C ASN A 43 5.17 8.37 7.77
N LYS A 44 5.82 8.26 8.93
CA LYS A 44 5.11 8.05 10.18
C LYS A 44 4.19 9.22 10.57
N ARG A 45 4.45 10.40 9.99
CA ARG A 45 3.68 11.61 10.31
C ARG A 45 2.64 11.94 9.27
N LEU A 46 2.50 11.10 8.25
CA LEU A 46 1.56 11.33 7.13
C LEU A 46 1.74 12.70 6.50
N GLU A 47 3.01 13.12 6.43
CA GLU A 47 3.34 14.35 5.72
C GLU A 47 3.59 13.94 4.27
N HIS A 48 2.66 14.23 3.37
CA HIS A 48 2.72 13.64 2.03
C HIS A 48 3.52 14.53 1.06
N GLY A 49 4.82 14.62 1.34
CA GLY A 49 5.67 15.59 0.68
C GLY A 49 6.38 15.09 -0.53
N GLY A 50 6.36 13.80 -0.80
CA GLY A 50 7.04 13.25 -1.97
C GLY A 50 6.58 11.85 -2.24
N GLY A 51 7.06 11.26 -3.34
CA GLY A 51 6.82 9.89 -3.66
C GLY A 51 5.36 9.62 -4.03
N VAL A 52 5.00 8.35 -3.96
CA VAL A 52 3.61 7.91 -4.16
C VAL A 52 2.69 8.62 -3.16
N ALA A 53 3.19 8.96 -1.98
CA ALA A 53 2.34 9.63 -0.99
C ALA A 53 1.93 11.00 -1.53
N TYR A 54 2.85 11.75 -2.14
CA TYR A 54 2.51 13.04 -2.76
C TYR A 54 1.52 12.79 -3.91
N ALA A 55 1.78 11.83 -4.79
CA ALA A 55 0.89 11.54 -5.92
C ALA A 55 -0.53 11.25 -5.47
N ILE A 56 -0.67 10.41 -4.45
CA ILE A 56 -1.99 10.08 -3.93
C ILE A 56 -2.63 11.32 -3.32
N ALA A 57 -1.88 12.04 -2.48
CA ALA A 57 -2.44 13.21 -1.82
C ALA A 57 -2.95 14.23 -2.82
N LYS A 58 -2.15 14.51 -3.86
CA LYS A 58 -2.59 15.46 -4.88
C LYS A 58 -3.77 14.95 -5.67
N ALA A 59 -3.80 13.64 -5.99
CA ALA A 59 -4.93 13.07 -6.74
C ALA A 59 -6.21 13.18 -5.92
N CYS A 60 -6.11 12.95 -4.61
CA CYS A 60 -7.31 12.96 -3.75
C CYS A 60 -7.81 14.37 -3.50
N ALA A 61 -6.90 15.31 -3.23
CA ALA A 61 -7.32 16.61 -2.68
C ALA A 61 -7.02 17.80 -3.56
N GLY A 62 -6.30 17.58 -4.66
CA GLY A 62 -5.91 18.69 -5.55
C GLY A 62 -4.59 19.34 -5.19
N ASP A 63 -4.34 19.47 -3.91
CA ASP A 63 -3.11 20.02 -3.33
C ASP A 63 -2.70 19.01 -2.26
N ALA A 64 -1.50 18.48 -2.37
CA ALA A 64 -1.04 17.47 -1.43
C ALA A 64 -1.12 17.94 -0.01
N GLY A 65 -0.87 19.22 0.25
CA GLY A 65 -0.91 19.75 1.61
C GLY A 65 -2.28 19.61 2.25
N LEU A 66 -3.35 19.72 1.47
CA LEU A 66 -4.69 19.55 2.01
C LEU A 66 -4.87 18.10 2.47
N TYR A 67 -4.34 17.14 1.72
CA TYR A 67 -4.48 15.74 2.14
C TYR A 67 -3.61 15.45 3.36
N THR A 68 -2.44 16.10 3.47
CA THR A 68 -1.65 15.98 4.70
C THR A 68 -2.48 16.45 5.89
N GLU A 69 -3.18 17.58 5.74
CA GLU A 69 -3.96 18.11 6.85
C GLU A 69 -5.08 17.16 7.25
N ILE A 70 -5.87 16.67 6.28
CA ILE A 70 -6.93 15.76 6.68
C ILE A 70 -6.37 14.46 7.24
N SER A 71 -5.24 13.99 6.71
CA SER A 71 -4.60 12.79 7.22
C SER A 71 -4.21 12.93 8.68
N LYS A 72 -3.67 14.08 9.05
CA LYS A 72 -3.25 14.29 10.42
C LYS A 72 -4.47 14.32 11.36
N LYS A 73 -5.58 14.91 10.90
CA LYS A 73 -6.81 14.92 11.72
C LYS A 73 -7.32 13.47 11.90
N ALA A 74 -7.39 12.70 10.81
CA ALA A 74 -7.83 11.32 10.87
C ALA A 74 -6.91 10.50 11.76
N MSE A 75 -5.60 10.72 11.69
CA MSE A 75 -4.67 9.97 12.51
C MSE A 75 -4.87 10.28 14.01
O MSE A 75 -4.81 9.37 14.85
CB MSE A 75 -3.24 10.28 12.10
CG MSE A 75 -2.16 9.53 12.90
SE MSE A 75 -0.43 9.69 12.10
CE MSE A 75 -0.50 11.54 11.61
N ARG A 76 -5.06 11.55 14.34
CA ARG A 76 -5.33 11.92 15.75
C ARG A 76 -6.61 11.25 16.23
N GLU A 77 -7.65 11.22 15.41
CA GLU A 77 -8.91 10.61 15.80
C GLU A 77 -8.74 9.11 15.97
N GLN A 78 -7.96 8.47 15.09
CA GLN A 78 -7.83 7.02 15.05
C GLN A 78 -6.79 6.43 15.99
N PHE A 79 -5.76 7.22 16.33
CA PHE A 79 -4.63 6.70 17.14
C PHE A 79 -4.24 7.56 18.32
N GLY A 80 -4.86 8.74 18.43
CA GLY A 80 -4.62 9.63 19.56
C GLY A 80 -3.30 10.37 19.54
N ARG A 81 -2.59 10.38 18.42
CA ARG A 81 -1.31 11.07 18.32
C ARG A 81 -1.05 11.45 16.88
N ASP A 82 0.08 12.07 16.59
CA ASP A 82 0.45 12.56 15.27
C ASP A 82 1.52 11.70 14.59
N TYR A 83 1.66 10.45 15.02
CA TYR A 83 2.50 9.50 14.29
C TYR A 83 1.90 8.13 14.42
N ILE A 84 2.22 7.29 13.45
CA ILE A 84 1.92 5.87 13.51
C ILE A 84 3.18 5.01 13.53
N ASP A 85 3.03 3.84 14.12
CA ASP A 85 4.06 2.80 14.08
C ASP A 85 3.78 1.81 12.95
N HIS A 86 4.81 1.06 12.54
CA HIS A 86 4.64 0.07 11.49
C HIS A 86 3.51 -0.89 11.85
N GLY A 87 2.58 -1.06 10.91
CA GLY A 87 1.43 -1.94 11.09
C GLY A 87 0.16 -1.20 11.40
N GLU A 88 0.25 -0.01 11.97
CA GLU A 88 -0.93 0.84 12.19
C GLU A 88 -1.35 1.48 10.89
N VAL A 89 -2.65 1.57 10.66
CA VAL A 89 -3.17 2.03 9.38
C VAL A 89 -4.19 3.13 9.60
N VAL A 90 -3.95 4.31 9.02
CA VAL A 90 -4.88 5.45 9.10
C VAL A 90 -5.75 5.42 7.87
N VAL A 91 -7.06 5.56 8.06
CA VAL A 91 -8.01 5.54 6.93
C VAL A 91 -8.53 6.94 6.66
N THR A 92 -8.41 7.41 5.41
CA THR A 92 -8.99 8.69 5.04
C THR A 92 -9.92 8.54 3.83
N PRO A 93 -10.93 9.40 3.73
CA PRO A 93 -11.80 9.37 2.53
C PRO A 93 -10.91 9.68 1.32
N ALA A 94 -11.12 8.98 0.22
CA ALA A 94 -10.30 9.22 -0.98
C ALA A 94 -10.70 10.47 -1.77
N MSE A 95 -11.81 11.13 -1.38
CA MSE A 95 -12.16 12.48 -1.93
C MSE A 95 -12.27 12.41 -3.45
O MSE A 95 -13.16 11.72 -3.95
CB MSE A 95 -11.17 13.55 -1.42
CG MSE A 95 -11.21 13.68 0.10
SE MSE A 95 -10.01 14.92 0.84
CE MSE A 95 -10.61 16.48 0.09
N ASN A 96 -11.37 13.06 -4.19
CA ASN A 96 -11.52 13.08 -5.64
C ASN A 96 -11.39 11.72 -6.33
N LEU A 97 -10.83 10.72 -5.65
CA LEU A 97 -10.79 9.38 -6.23
C LEU A 97 -12.07 8.58 -6.04
N GLU A 98 -13.02 9.09 -5.25
CA GLU A 98 -14.23 8.32 -4.94
C GLU A 98 -15.05 8.01 -6.18
N GLU A 99 -15.01 8.91 -7.15
CA GLU A 99 -15.76 8.80 -8.39
C GLU A 99 -15.23 7.67 -9.27
N ARG A 100 -13.97 7.27 -9.04
CA ARG A 100 -13.31 6.16 -9.72
C ARG A 100 -13.53 4.84 -8.97
N GLY A 101 -14.34 4.86 -7.93
CA GLY A 101 -14.64 3.68 -7.15
C GLY A 101 -13.70 3.46 -5.98
N ILE A 102 -12.68 4.33 -5.82
CA ILE A 102 -11.74 4.23 -4.68
C ILE A 102 -12.35 5.02 -3.51
N LYS A 103 -12.84 4.30 -2.49
CA LYS A 103 -13.51 4.95 -1.38
C LYS A 103 -12.52 5.49 -0.34
N TYR A 104 -11.42 4.77 -0.13
CA TYR A 104 -10.50 5.10 0.95
C TYR A 104 -9.07 5.06 0.51
N VAL A 105 -8.26 5.85 1.23
CA VAL A 105 -6.82 5.61 1.25
C VAL A 105 -6.47 5.04 2.62
N PHE A 106 -5.65 3.98 2.62
CA PHE A 106 -5.18 3.34 3.84
C PHE A 106 -3.69 3.70 3.93
N HIS A 107 -3.32 4.57 4.89
CA HIS A 107 -1.94 4.99 5.00
C HIS A 107 -1.18 4.03 5.89
N THR A 108 -0.06 3.52 5.40
CA THR A 108 0.81 2.61 6.15
C THR A 108 2.22 3.17 6.09
N VAL A 109 3.08 2.73 7.01
CA VAL A 109 4.47 3.22 7.03
C VAL A 109 5.45 2.08 7.07
N GLY A 110 6.29 2.00 6.04
CA GLY A 110 7.32 1.00 5.98
C GLY A 110 8.60 1.52 6.64
N PRO A 111 9.56 0.62 6.84
CA PRO A 111 10.86 0.99 7.42
C PRO A 111 11.76 1.67 6.41
N ILE A 112 12.79 2.34 6.94
CA ILE A 112 13.80 2.96 6.10
C ILE A 112 15.00 2.05 6.04
N CYS A 113 15.24 1.45 4.87
CA CYS A 113 16.41 0.55 4.72
C CYS A 113 17.69 1.27 4.32
N SER A 114 17.57 2.32 3.52
CA SER A 114 18.75 3.00 2.98
C SER A 114 19.77 1.99 2.42
N GLY A 115 19.30 1.05 1.62
CA GLY A 115 20.19 0.10 0.94
C GLY A 115 20.58 -1.12 1.74
N MSE A 116 20.09 -1.22 2.99
CA MSE A 116 20.41 -2.34 3.88
C MSE A 116 19.22 -3.28 4.00
O MSE A 116 18.08 -2.93 3.60
CB MSE A 116 20.68 -1.82 5.30
CB MSE A 116 20.86 -1.81 5.24
CG MSE A 116 21.70 -0.72 5.42
CG MSE A 116 22.01 -0.80 5.06
SE MSE A 116 23.45 -1.49 5.64
SE MSE A 116 22.64 -0.07 6.72
CE MSE A 116 23.92 -1.51 3.88
CE MSE A 116 21.26 1.23 6.93
N TRP A 117 19.46 -4.44 4.57
CA TRP A 117 18.39 -5.40 4.83
C TRP A 117 18.72 -6.21 6.07
N SER A 118 17.69 -6.53 6.85
CA SER A 118 17.87 -7.34 8.03
C SER A 118 16.54 -7.96 8.38
N GLU A 119 16.54 -8.89 9.32
CA GLU A 119 15.29 -9.50 9.76
C GLU A 119 14.36 -8.46 10.43
N GLU A 120 14.95 -7.51 11.15
CA GLU A 120 14.19 -6.47 11.83
C GLU A 120 13.54 -5.52 10.81
N LEU A 121 14.27 -5.16 9.75
CA LEU A 121 13.70 -4.36 8.66
C LEU A 121 12.56 -5.13 7.98
N LYS A 122 12.77 -6.41 7.72
CA LYS A 122 11.78 -7.22 7.06
C LYS A 122 10.50 -7.28 7.92
N GLU A 123 10.62 -7.48 9.24
CA GLU A 123 9.43 -7.59 10.04
C GLU A 123 8.64 -6.27 10.07
N LYS A 124 9.35 -5.13 10.14
CA LYS A 124 8.63 -3.85 10.06
C LYS A 124 7.85 -3.70 8.74
N LEU A 125 8.46 -4.08 7.64
CA LEU A 125 7.81 -4.01 6.33
C LEU A 125 6.66 -5.00 6.25
N TYR A 126 6.85 -6.19 6.79
CA TYR A 126 5.77 -7.18 6.85
C TYR A 126 4.53 -6.60 7.55
N LYS A 127 4.73 -5.97 8.69
CA LYS A 127 3.63 -5.34 9.41
C LYS A 127 2.99 -4.25 8.55
N ALA A 128 3.80 -3.47 7.84
CA ALA A 128 3.27 -2.37 7.01
C ALA A 128 2.40 -2.91 5.86
N PHE A 129 2.67 -4.11 5.36
CA PHE A 129 1.81 -4.76 4.35
C PHE A 129 0.61 -5.47 4.94
N LEU A 130 0.79 -6.16 6.08
CA LEU A 130 -0.31 -6.90 6.69
C LEU A 130 -1.38 -5.99 7.28
N GLY A 131 -0.94 -4.88 7.90
CA GLY A 131 -1.89 -4.02 8.56
C GLY A 131 -3.02 -3.58 7.64
N PRO A 132 -2.73 -3.07 6.44
CA PRO A 132 -3.82 -2.67 5.55
C PRO A 132 -4.75 -3.82 5.11
N LEU A 133 -4.23 -5.06 5.00
CA LEU A 133 -5.12 -6.20 4.72
C LEU A 133 -6.09 -6.39 5.89
N GLU A 134 -5.58 -6.34 7.13
CA GLU A 134 -6.41 -6.50 8.31
C GLU A 134 -7.43 -5.37 8.42
N LYS A 135 -7.04 -4.13 8.05
CA LYS A 135 -7.96 -3.00 8.11
C LYS A 135 -9.05 -3.19 7.03
N ALA A 136 -8.69 -3.66 5.83
CA ALA A 136 -9.67 -3.95 4.81
C ALA A 136 -10.70 -4.98 5.31
N GLU A 137 -10.20 -6.02 5.96
CA GLU A 137 -11.08 -7.06 6.47
C GLU A 137 -12.06 -6.50 7.49
N GLU A 138 -11.54 -5.72 8.43
CA GLU A 138 -12.34 -5.08 9.49
C GLU A 138 -13.46 -4.26 8.89
N MSE A 139 -13.16 -3.51 7.83
CA MSE A 139 -14.09 -2.60 7.21
C MSE A 139 -14.96 -3.20 6.12
O MSE A 139 -15.81 -2.50 5.56
CB MSE A 139 -13.33 -1.43 6.60
CG MSE A 139 -12.60 -0.61 7.63
SE MSE A 139 -11.86 0.99 6.89
CE MSE A 139 -13.53 1.95 6.62
N GLY A 140 -14.74 -4.46 5.80
CA GLY A 140 -15.49 -5.14 4.76
C GLY A 140 -15.10 -4.65 3.36
N VAL A 141 -13.87 -4.12 3.20
CA VAL A 141 -13.41 -3.67 1.87
C VAL A 141 -12.96 -4.88 1.05
N GLU A 142 -13.63 -5.12 -0.08
CA GLU A 142 -13.39 -6.36 -0.82
C GLU A 142 -12.15 -6.34 -1.70
N SER A 143 -11.67 -5.15 -2.06
CA SER A 143 -10.60 -5.01 -3.03
C SER A 143 -9.64 -3.92 -2.57
N ILE A 144 -8.35 -4.21 -2.66
CA ILE A 144 -7.34 -3.28 -2.15
C ILE A 144 -6.11 -3.36 -3.00
N ALA A 145 -5.53 -2.19 -3.28
CA ALA A 145 -4.30 -2.12 -4.10
C ALA A 145 -3.17 -1.49 -3.31
N PHE A 146 -1.96 -2.01 -3.49
CA PHE A 146 -0.77 -1.56 -2.76
C PHE A 146 0.29 -1.04 -3.73
N PRO A 147 1.09 -0.09 -3.27
CA PRO A 147 2.36 0.24 -3.94
C PRO A 147 3.47 -0.60 -3.32
N ALA A 148 4.68 -0.47 -3.86
CA ALA A 148 5.84 -1.19 -3.31
C ALA A 148 6.40 -0.36 -2.12
N VAL A 149 5.73 -0.50 -0.98
CA VAL A 149 6.05 0.25 0.24
C VAL A 149 7.55 0.09 0.54
N SER A 150 8.22 1.22 0.83
CA SER A 150 9.64 1.29 1.20
C SER A 150 10.61 1.13 0.04
N ALA A 151 10.10 0.92 -1.18
CA ALA A 151 11.00 0.75 -2.33
C ALA A 151 11.23 2.05 -3.07
N GLY A 152 10.66 3.14 -2.56
CA GLY A 152 10.94 4.49 -3.05
C GLY A 152 12.18 5.02 -2.35
N ILE A 153 12.11 6.25 -1.85
CA ILE A 153 13.28 6.86 -1.22
C ILE A 153 13.70 6.15 0.06
N TYR A 154 12.85 5.30 0.63
CA TYR A 154 13.28 4.52 1.79
C TYR A 154 14.29 3.43 1.45
N GLY A 155 14.52 3.17 0.17
CA GLY A 155 15.71 2.42 -0.21
C GLY A 155 15.73 0.95 0.15
N CYS A 156 14.57 0.33 0.35
CA CYS A 156 14.54 -1.13 0.54
C CYS A 156 14.55 -1.80 -0.82
N ASP A 157 15.41 -2.82 -0.94
CA ASP A 157 15.56 -3.54 -2.21
C ASP A 157 14.21 -4.00 -2.75
N LEU A 158 13.94 -3.71 -4.03
CA LEU A 158 12.63 -4.02 -4.58
C LEU A 158 12.27 -5.51 -4.52
N GLU A 159 13.22 -6.41 -4.86
CA GLU A 159 12.90 -7.82 -4.75
C GLU A 159 12.50 -8.22 -3.33
N LYS A 160 13.25 -7.74 -2.33
CA LYS A 160 12.93 -8.05 -0.93
C LYS A 160 11.59 -7.48 -0.54
N VAL A 161 11.27 -6.30 -1.05
CA VAL A 161 10.00 -5.66 -0.74
C VAL A 161 8.84 -6.53 -1.30
N VAL A 162 8.99 -6.98 -2.55
CA VAL A 162 7.95 -7.81 -3.16
C VAL A 162 7.82 -9.13 -2.46
N GLU A 163 8.95 -9.75 -2.12
CA GLU A 163 8.88 -10.98 -1.35
C GLU A 163 8.08 -10.81 -0.04
N THR A 164 8.33 -9.70 0.63
CA THR A 164 7.69 -9.46 1.93
C THR A 164 6.18 -9.23 1.75
N PHE A 165 5.80 -8.44 0.72
CA PHE A 165 4.39 -8.25 0.36
C PHE A 165 3.71 -9.61 0.16
N LEU A 166 4.36 -10.50 -0.61
CA LEU A 166 3.75 -11.81 -0.89
C LEU A 166 3.61 -12.65 0.37
N GLU A 167 4.55 -12.53 1.29
CA GLU A 167 4.43 -13.26 2.57
C GLU A 167 3.18 -12.77 3.32
N ALA A 168 2.97 -11.45 3.33
CA ALA A 168 1.78 -10.90 3.99
C ALA A 168 0.48 -11.42 3.36
N VAL A 169 0.42 -11.39 2.02
CA VAL A 169 -0.77 -11.84 1.35
C VAL A 169 -1.00 -13.33 1.62
N LYS A 170 0.06 -14.14 1.64
CA LYS A 170 -0.10 -15.57 1.87
C LYS A 170 -0.54 -15.88 3.28
N ASN A 171 -0.06 -15.11 4.25
CA ASN A 171 -0.42 -15.38 5.62
C ASN A 171 -1.80 -14.90 6.02
N PHE A 172 -2.21 -13.77 5.48
CA PHE A 172 -3.49 -13.16 5.78
C PHE A 172 -4.62 -14.19 5.54
N LYS A 173 -5.61 -14.17 6.41
CA LYS A 173 -6.84 -14.95 6.20
C LYS A 173 -8.03 -14.04 6.49
N GLY A 174 -9.10 -14.21 5.70
CA GLY A 174 -10.32 -13.43 5.95
C GLY A 174 -11.40 -13.80 4.99
N SER A 175 -12.59 -13.27 5.27
CA SER A 175 -13.75 -13.54 4.45
C SER A 175 -14.18 -12.35 3.60
N ALA A 176 -13.76 -11.14 3.96
CA ALA A 176 -14.23 -9.98 3.22
C ALA A 176 -13.30 -9.63 2.06
N VAL A 177 -11.99 -9.68 2.29
CA VAL A 177 -11.05 -9.26 1.23
C VAL A 177 -11.00 -10.37 0.17
N LYS A 178 -11.28 -9.98 -1.07
CA LYS A 178 -11.33 -10.93 -2.19
C LYS A 178 -10.37 -10.64 -3.33
N GLU A 179 -9.85 -9.42 -3.39
CA GLU A 179 -8.97 -9.00 -4.49
C GLU A 179 -7.88 -8.11 -3.90
N VAL A 180 -6.64 -8.46 -4.22
CA VAL A 180 -5.47 -7.68 -3.78
C VAL A 180 -4.63 -7.46 -5.03
N ALA A 181 -4.11 -6.24 -5.19
CA ALA A 181 -3.16 -5.95 -6.28
C ALA A 181 -1.92 -5.26 -5.75
N LEU A 182 -0.77 -5.57 -6.37
CA LEU A 182 0.42 -4.74 -6.23
C LEU A 182 0.53 -3.94 -7.51
N VAL A 183 0.65 -2.62 -7.39
CA VAL A 183 0.69 -1.72 -8.54
C VAL A 183 2.01 -0.98 -8.52
N ILE A 184 2.79 -1.15 -9.60
CA ILE A 184 4.13 -0.57 -9.70
C ILE A 184 4.12 0.37 -10.90
N TYR A 185 4.59 1.59 -10.73
CA TYR A 185 4.42 2.60 -11.75
C TYR A 185 5.27 2.34 -13.02
N ASP A 186 6.55 2.07 -12.82
CA ASP A 186 7.48 2.00 -13.96
C ASP A 186 7.69 0.56 -14.44
N ARG A 187 7.85 0.43 -15.75
CA ARG A 187 7.92 -0.90 -16.35
C ARG A 187 9.07 -1.74 -15.79
N LYS A 188 10.26 -1.16 -15.67
CA LYS A 188 11.43 -1.97 -15.24
C LYS A 188 11.19 -2.55 -13.86
N SER A 189 10.66 -1.74 -12.93
CA SER A 189 10.38 -2.23 -11.58
C SER A 189 9.23 -3.25 -11.57
N ALA A 190 8.23 -3.05 -12.44
CA ALA A 190 7.09 -3.99 -12.49
C ALA A 190 7.58 -5.34 -12.99
N GLU A 191 8.55 -5.32 -13.91
CA GLU A 191 9.08 -6.58 -14.45
C GLU A 191 9.93 -7.29 -13.38
N VAL A 192 10.65 -6.55 -12.54
CA VAL A 192 11.32 -7.18 -11.39
C VAL A 192 10.30 -7.83 -10.45
N ALA A 193 9.22 -7.10 -10.17
CA ALA A 193 8.18 -7.68 -9.34
C ALA A 193 7.61 -8.95 -9.97
N LEU A 194 7.45 -8.95 -11.28
CA LEU A 194 6.92 -10.13 -11.96
C LEU A 194 7.83 -11.34 -11.76
N LYS A 195 9.13 -11.12 -11.84
CA LYS A 195 10.08 -12.19 -11.54
C LYS A 195 9.79 -12.81 -10.17
N VAL A 196 9.62 -11.94 -9.15
CA VAL A 196 9.35 -12.44 -7.82
C VAL A 196 8.03 -13.17 -7.73
N PHE A 197 6.98 -12.63 -8.34
CA PHE A 197 5.67 -13.28 -8.30
C PHE A 197 5.80 -14.68 -8.89
N GLU A 198 6.49 -14.80 -10.03
CA GLU A 198 6.52 -16.10 -10.72
C GLU A 198 7.26 -17.15 -9.92
N ARG A 199 8.32 -16.77 -9.23
CA ARG A 199 9.06 -17.78 -8.49
C ARG A 199 8.41 -18.10 -7.13
N SER A 200 7.43 -17.30 -6.73
CA SER A 200 6.81 -17.43 -5.40
C SER A 200 5.41 -18.00 -5.41
N LEU A 201 4.77 -17.98 -6.56
CA LEU A 201 3.39 -18.43 -6.66
C LEU A 201 3.28 -19.54 -7.70
O1 MES B . 7.66 11.18 2.85
C2 MES B . 6.67 10.73 1.93
C3 MES B . 6.55 9.21 1.97
N4 MES B . 7.86 8.59 1.64
C5 MES B . 8.85 9.11 2.63
C6 MES B . 8.95 10.63 2.59
C7 MES B . 7.76 7.11 1.73
C8 MES B . 9.02 6.48 1.16
S MES B . 8.63 4.90 0.35
O1S MES B . 9.93 4.36 -0.01
O2S MES B . 7.77 5.20 -0.81
O3S MES B . 7.95 4.06 1.32
#